data_4G6W
#
_entry.id   4G6W
#
_cell.length_a   95.846
_cell.length_b   95.846
_cell.length_c   80.525
_cell.angle_alpha   90.00
_cell.angle_beta   90.00
_cell.angle_gamma   120.00
#
_symmetry.space_group_name_H-M   'P 31 2 1'
#
loop_
_entity.id
_entity.type
_entity.pdbx_description
1 polymer 'Thymidylate synthase'
2 non-polymer 4-bromobenzene-1,2,3-triol
3 non-polymer 'SULFATE ION'
4 water water
#
_entity_poly.entity_id   1
_entity_poly.type   'polypeptide(L)'
_entity_poly.pdbx_seq_one_letter_code
;MPVAGSELPRRPLPPAAQERDAEPRPPHGELQYLGQIQHILRCGVRKDDRTGTGTLSVFGMQARYSLRDEFPLLTTKRVF
WKGVLEELLWFIKGSTNAKELSSKGVKIWDANGSRDFLDSLGFSTREEGDLGPVYGFQWRHFGAEYRDMESDYSGQGVDQ
LQRVIDTIKTNPDDRRIIM(CME)AWNPRDLPLKALPP(CSD)HALCQFYVVNSELSCQLYQRSGDMGLGVPFNIASYAL
LTYMIAHITGLKPGDFIHTLGDAHIYLNHIEPLKIQLQREPRPFPKLRILRKVEKIDDFKAEDFQIEGYNPHPTIKMEMA
V
;
_entity_poly.pdbx_strand_id   X
#
# COMPACT_ATOMS: atom_id res chain seq x y z
N PRO A 27 17.39 13.78 -4.69
CA PRO A 27 17.64 12.51 -5.39
C PRO A 27 16.36 12.14 -6.13
N HIS A 28 16.41 11.12 -6.99
CA HIS A 28 15.22 10.82 -7.80
C HIS A 28 14.98 9.37 -8.18
N GLY A 29 13.72 9.04 -8.43
CA GLY A 29 13.33 7.67 -8.56
C GLY A 29 13.78 6.89 -7.34
N GLU A 30 14.30 5.72 -7.64
CA GLU A 30 14.62 4.74 -6.64
C GLU A 30 15.80 5.27 -5.85
N LEU A 31 16.55 6.24 -6.39
CA LEU A 31 17.60 6.85 -5.57
C LEU A 31 17.10 7.41 -4.24
N GLN A 32 15.85 7.80 -4.16
CA GLN A 32 15.37 8.36 -2.88
C GLN A 32 15.35 7.26 -1.86
N TYR A 33 14.81 6.12 -2.25
CA TYR A 33 14.67 5.00 -1.37
C TYR A 33 16.06 4.47 -0.90
N LEU A 34 17.02 4.41 -1.83
CA LEU A 34 18.39 4.01 -1.43
C LEU A 34 19.04 5.03 -0.54
N GLY A 35 18.82 6.32 -0.85
CA GLY A 35 19.34 7.38 0.06
C GLY A 35 18.75 7.27 1.43
N GLN A 36 17.50 6.84 1.48
CA GLN A 36 16.83 6.67 2.78
C GLN A 36 17.31 5.45 3.52
N ILE A 37 17.51 4.32 2.83
CA ILE A 37 18.20 3.18 3.51
C ILE A 37 19.59 3.61 4.12
N GLN A 38 20.40 4.29 3.32
CA GLN A 38 21.68 4.80 3.80
C GLN A 38 21.62 5.75 4.98
N HIS A 39 20.65 6.64 5.00
CA HIS A 39 20.57 7.57 6.12
C HIS A 39 20.17 6.80 7.38
N ILE A 40 19.34 5.77 7.23
CA ILE A 40 18.91 5.10 8.44
C ILE A 40 20.12 4.32 8.98
N LEU A 41 20.87 3.65 8.10
CA LEU A 41 22.04 2.88 8.56
C LEU A 41 23.02 3.79 9.26
N ARG A 42 23.34 4.95 8.67
CA ARG A 42 24.25 5.91 9.28
C ARG A 42 23.71 6.63 10.53
N CYS A 43 22.48 7.16 10.46
CA CYS A 43 21.97 8.02 11.50
C CYS A 43 20.86 7.43 12.30
N GLY A 44 20.41 6.24 11.92
CA GLY A 44 19.37 5.58 12.67
C GLY A 44 19.79 5.27 14.10
N VAL A 45 18.81 5.26 14.99
CA VAL A 45 19.03 5.14 16.42
C VAL A 45 18.36 3.83 16.75
N ARG A 46 18.92 3.12 17.70
CA ARG A 46 18.42 1.78 17.99
C ARG A 46 17.12 1.92 18.78
N LYS A 47 16.13 1.12 18.42
CA LYS A 47 14.79 1.26 19.02
C LYS A 47 14.06 -0.06 18.85
N ASP A 48 13.38 -0.53 19.88
CA ASP A 48 12.73 -1.86 19.84
C ASP A 48 11.27 -1.79 19.45
N ASP A 49 10.82 -2.78 18.70
CA ASP A 49 9.43 -2.75 18.30
C ASP A 49 8.64 -3.62 19.26
N ARG A 50 7.35 -3.82 18.97
CA ARG A 50 6.47 -4.54 19.88
C ARG A 50 6.82 -6.04 19.97
N THR A 51 7.27 -6.63 18.86
CA THR A 51 7.89 -7.94 18.89
C THR A 51 8.91 -7.99 20.05
N GLY A 52 9.72 -6.94 20.13
CA GLY A 52 10.82 -6.88 21.05
C GLY A 52 12.09 -6.94 20.22
N THR A 53 11.95 -7.27 18.92
CA THR A 53 13.07 -7.23 17.92
C THR A 53 13.64 -5.82 17.67
N GLY A 54 14.89 -5.78 17.22
CA GLY A 54 15.63 -4.52 17.23
C GLY A 54 15.50 -3.82 15.88
N THR A 55 15.42 -2.49 15.90
CA THR A 55 15.45 -1.76 14.65
C THR A 55 16.47 -0.62 14.77
N LEU A 56 16.90 -0.17 13.61
CA LEU A 56 17.44 1.19 13.46
C LEU A 56 16.27 2.12 12.97
N SER A 57 16.06 3.24 13.63
CA SER A 57 14.85 4.08 13.45
C SER A 57 15.24 5.52 13.17
N VAL A 58 14.46 6.15 12.30
CA VAL A 58 14.55 7.60 12.00
C VAL A 58 13.08 8.01 11.94
N PHE A 59 12.73 9.14 12.55
CA PHE A 59 11.33 9.61 12.51
C PHE A 59 11.09 10.67 11.45
N GLY A 60 10.22 10.37 10.49
CA GLY A 60 9.87 11.42 9.52
C GLY A 60 10.65 11.45 8.24
N MET A 61 10.03 11.06 7.14
CA MET A 61 10.74 10.99 5.87
C MET A 61 9.70 11.12 4.77
N GLN A 62 10.14 11.40 3.56
CA GLN A 62 9.23 11.51 2.47
C GLN A 62 9.99 11.30 1.17
N ALA A 63 9.31 10.78 0.15
CA ALA A 63 9.89 10.58 -1.16
C ALA A 63 8.74 10.76 -2.13
N ARG A 64 9.06 11.13 -3.35
CA ARG A 64 8.09 11.34 -4.40
C ARG A 64 8.48 10.50 -5.63
N TYR A 65 7.55 9.78 -6.22
CA TYR A 65 7.86 8.97 -7.40
C TYR A 65 6.85 9.38 -8.48
N SER A 66 7.37 9.79 -9.61
CA SER A 66 6.50 10.20 -10.69
C SER A 66 5.81 8.97 -11.16
N LEU A 67 4.53 9.08 -11.44
CA LEU A 67 3.78 8.04 -12.11
C LEU A 67 3.61 8.33 -13.61
N ARG A 68 4.33 9.30 -14.17
CA ARG A 68 4.01 9.71 -15.53
C ARG A 68 4.80 8.89 -16.52
N ASP A 69 4.10 7.99 -17.20
CA ASP A 69 4.75 7.17 -18.23
C ASP A 69 5.80 6.17 -17.66
N GLU A 70 5.78 5.97 -16.34
CA GLU A 70 6.53 4.93 -15.63
C GLU A 70 5.82 4.47 -14.32
N PHE A 71 6.31 3.39 -13.73
CA PHE A 71 5.66 2.77 -12.60
C PHE A 71 6.70 2.32 -11.56
N PRO A 72 6.63 2.87 -10.33
CA PRO A 72 7.75 2.69 -9.38
C PRO A 72 7.78 1.28 -8.78
N LEU A 73 7.92 0.24 -9.63
CA LEU A 73 8.22 -1.12 -9.12
C LEU A 73 9.74 -1.16 -8.94
N LEU A 74 10.23 -1.15 -7.71
CA LEU A 74 11.68 -1.04 -7.48
C LEU A 74 12.53 -2.04 -8.31
N THR A 75 13.68 -1.56 -8.76
CA THR A 75 14.56 -2.34 -9.58
C THR A 75 15.82 -2.91 -8.85
N THR A 76 16.15 -2.45 -7.63
CA THR A 76 17.37 -2.94 -7.01
C THR A 76 17.23 -4.30 -6.34
N LYS A 77 15.99 -4.79 -6.29
CA LYS A 77 15.69 -6.18 -6.00
C LYS A 77 14.35 -6.41 -6.69
N ARG A 78 14.09 -7.68 -7.02
CA ARG A 78 12.82 -8.06 -7.61
C ARG A 78 11.70 -7.93 -6.57
N VAL A 79 10.62 -7.15 -6.92
CA VAL A 79 9.47 -7.04 -6.02
C VAL A 79 8.39 -8.01 -6.48
N PHE A 80 7.74 -8.68 -5.54
CA PHE A 80 6.66 -9.62 -5.83
C PHE A 80 5.33 -8.93 -6.39
N TRP A 81 5.42 -8.48 -7.65
CA TRP A 81 4.40 -7.78 -8.36
C TRP A 81 3.04 -8.45 -8.24
N LYS A 82 2.98 -9.73 -8.58
CA LYS A 82 1.72 -10.49 -8.57
C LYS A 82 1.11 -10.52 -7.20
N GLY A 83 1.93 -10.59 -6.17
CA GLY A 83 1.35 -10.50 -4.83
C GLY A 83 0.77 -9.12 -4.58
N VAL A 84 1.35 -8.11 -5.22
CA VAL A 84 0.95 -6.75 -4.94
C VAL A 84 -0.48 -6.51 -5.49
N LEU A 85 -0.65 -6.90 -6.75
CA LEU A 85 -1.91 -6.90 -7.43
C LEU A 85 -3.01 -7.69 -6.74
N GLU A 86 -2.74 -8.97 -6.45
CA GLU A 86 -3.73 -9.82 -5.82
C GLU A 86 -4.14 -9.32 -4.45
N GLU A 87 -3.21 -8.78 -3.68
CA GLU A 87 -3.62 -8.39 -2.33
C GLU A 87 -4.53 -7.12 -2.44
N LEU A 88 -4.23 -6.28 -3.43
CA LEU A 88 -4.97 -5.02 -3.68
C LEU A 88 -6.41 -5.34 -4.17
N LEU A 89 -6.57 -6.29 -5.09
CA LEU A 89 -7.91 -6.77 -5.50
C LEU A 89 -8.74 -7.34 -4.33
N TRP A 90 -8.11 -8.14 -3.49
CA TRP A 90 -8.73 -8.68 -2.29
C TRP A 90 -9.13 -7.49 -1.37
N PHE A 91 -8.26 -6.49 -1.27
CA PHE A 91 -8.56 -5.32 -0.45
C PHE A 91 -9.75 -4.58 -1.04
N ILE A 92 -9.70 -4.33 -2.35
CA ILE A 92 -10.76 -3.60 -3.01
C ILE A 92 -12.17 -4.26 -2.85
N LYS A 93 -12.19 -5.60 -2.81
CA LYS A 93 -13.38 -6.43 -2.64
C LYS A 93 -13.94 -6.29 -1.23
N GLY A 94 -13.13 -5.80 -0.29
CA GLY A 94 -13.53 -5.78 1.12
C GLY A 94 -13.62 -7.18 1.72
N SER A 95 -12.79 -8.10 1.21
CA SER A 95 -12.82 -9.46 1.68
C SER A 95 -12.31 -9.57 3.12
N THR A 96 -12.95 -10.43 3.89
CA THR A 96 -12.50 -10.77 5.25
C THR A 96 -12.23 -12.29 5.37
N ASN A 97 -12.20 -12.97 4.23
CA ASN A 97 -12.01 -14.42 4.14
C ASN A 97 -10.57 -14.67 3.71
N ALA A 98 -9.74 -15.18 4.64
CA ALA A 98 -8.31 -15.45 4.38
C ALA A 98 -8.01 -16.36 3.17
N LYS A 99 -8.89 -17.38 2.99
CA LYS A 99 -8.79 -18.35 1.89
C LYS A 99 -8.90 -17.68 0.53
N GLU A 100 -9.85 -16.75 0.41
CA GLU A 100 -10.05 -16.04 -0.84
C GLU A 100 -8.76 -15.44 -1.36
N LEU A 101 -7.83 -15.17 -0.44
CA LEU A 101 -6.55 -14.59 -0.80
C LEU A 101 -5.66 -15.45 -1.69
N SER A 102 -5.28 -16.63 -1.17
CA SER A 102 -4.44 -17.55 -1.93
C SER A 102 -4.96 -18.97 -1.72
N PHE A 117 -0.91 -12.28 13.80
CA PHE A 117 -0.44 -13.27 14.78
C PHE A 117 -0.99 -13.00 16.20
N LEU A 118 -1.03 -11.72 16.61
CA LEU A 118 -1.71 -11.31 17.85
C LEU A 118 -3.18 -10.90 17.61
N ASP A 119 -3.50 -10.62 16.35
CA ASP A 119 -4.85 -10.66 15.79
C ASP A 119 -5.58 -12.03 16.09
N SER A 120 -6.56 -12.00 17.00
CA SER A 120 -7.23 -13.24 17.54
C SER A 120 -8.47 -13.02 18.47
N LEU A 121 -9.60 -13.59 18.07
CA LEU A 121 -10.83 -13.64 18.86
C LEU A 121 -11.77 -14.65 18.18
N GLY A 122 -11.96 -15.82 18.79
CA GLY A 122 -12.85 -16.81 18.20
C GLY A 122 -12.20 -18.14 17.93
N PHE A 123 -13.06 -19.14 17.72
CA PHE A 123 -12.75 -20.56 17.79
C PHE A 123 -12.88 -21.23 16.43
N SER A 124 -14.11 -21.59 16.07
CA SER A 124 -14.39 -22.25 14.79
C SER A 124 -14.28 -21.27 13.63
N THR A 125 -14.42 -19.97 13.93
CA THR A 125 -14.29 -18.86 12.93
C THR A 125 -12.86 -18.63 12.45
N ARG A 126 -11.89 -18.90 13.31
CA ARG A 126 -10.46 -18.96 12.95
C ARG A 126 -10.10 -20.12 11.99
N GLU A 127 -10.76 -21.28 12.16
CA GLU A 127 -10.55 -22.45 11.29
C GLU A 127 -11.14 -22.18 9.90
N GLU A 128 -12.39 -21.71 9.89
CA GLU A 128 -13.04 -21.07 8.72
C GLU A 128 -12.13 -20.18 7.86
N GLY A 129 -11.25 -19.42 8.51
CA GLY A 129 -10.45 -18.39 7.84
C GLY A 129 -11.14 -17.03 7.85
N ASP A 130 -12.09 -16.84 8.77
CA ASP A 130 -12.76 -15.56 8.95
C ASP A 130 -11.88 -14.63 9.81
N LEU A 131 -11.51 -13.47 9.25
CA LEU A 131 -10.55 -12.58 9.91
C LEU A 131 -11.23 -11.54 10.80
N GLY A 132 -12.55 -11.49 10.75
CA GLY A 132 -13.29 -10.44 11.41
C GLY A 132 -13.33 -9.18 10.55
N PRO A 133 -13.85 -8.08 11.11
CA PRO A 133 -14.04 -6.84 10.34
C PRO A 133 -12.74 -6.05 10.08
N VAL A 134 -11.87 -6.56 9.22
CA VAL A 134 -10.51 -5.99 9.05
C VAL A 134 -10.13 -5.76 7.57
N TYR A 135 -9.02 -5.05 7.35
CA TYR A 135 -8.47 -4.72 6.03
C TYR A 135 -9.46 -4.01 5.10
N GLY A 136 -9.63 -4.55 3.89
CA GLY A 136 -10.60 -4.05 2.91
C GLY A 136 -11.99 -3.84 3.51
N PHE A 137 -12.32 -4.62 4.51
CA PHE A 137 -13.58 -4.40 5.15
C PHE A 137 -13.71 -2.94 5.62
N GLN A 138 -12.59 -2.31 5.95
CA GLN A 138 -12.64 -0.92 6.40
C GLN A 138 -12.72 0.07 5.29
N TRP A 139 -12.17 -0.29 4.14
CA TRP A 139 -12.19 0.55 2.97
C TRP A 139 -13.58 0.59 2.38
N ARG A 140 -14.39 -0.47 2.60
CA ARG A 140 -15.68 -0.61 1.91
C ARG A 140 -16.86 -0.54 2.79
N HIS A 141 -16.67 -0.81 4.07
CA HIS A 141 -17.79 -0.91 4.97
C HIS A 141 -17.37 -0.43 6.36
N PHE A 142 -16.70 0.72 6.40
CA PHE A 142 -16.14 1.15 7.66
C PHE A 142 -17.25 1.40 8.65
N GLY A 143 -17.11 0.77 9.82
CA GLY A 143 -18.00 0.98 10.94
C GLY A 143 -19.28 0.20 10.79
N ALA A 144 -19.35 -0.68 9.78
CA ALA A 144 -20.48 -1.60 9.67
C ALA A 144 -20.45 -2.63 10.81
N GLU A 145 -21.62 -2.87 11.42
CA GLU A 145 -21.81 -4.01 12.34
C GLU A 145 -21.53 -5.28 11.56
N TYR A 146 -20.63 -6.11 12.08
CA TYR A 146 -20.13 -7.29 11.38
C TYR A 146 -20.88 -8.60 11.73
N ARG A 147 -21.34 -9.32 10.69
CA ARG A 147 -21.99 -10.64 10.84
C ARG A 147 -20.98 -11.80 10.60
N ASP A 148 -20.96 -12.37 9.38
CA ASP A 148 -20.00 -13.41 8.95
C ASP A 148 -19.26 -12.97 7.66
N MET A 149 -18.20 -13.67 7.27
CA MET A 149 -17.43 -13.35 6.04
C MET A 149 -18.10 -13.74 4.71
N GLU A 150 -19.19 -14.50 4.76
CA GLU A 150 -19.97 -14.81 3.56
C GLU A 150 -21.30 -14.03 3.60
N SER A 151 -21.47 -13.27 4.69
CA SER A 151 -22.63 -12.41 4.92
C SER A 151 -22.56 -11.15 4.03
N ASP A 152 -23.70 -10.49 3.81
CA ASP A 152 -23.83 -9.48 2.73
C ASP A 152 -23.96 -7.99 3.18
N TYR A 153 -23.03 -7.14 2.71
CA TYR A 153 -22.83 -5.81 3.32
C TYR A 153 -23.12 -4.57 2.45
N SER A 154 -23.63 -4.79 1.23
CA SER A 154 -24.03 -3.68 0.35
C SER A 154 -24.76 -2.62 1.15
N GLY A 155 -24.29 -1.37 1.07
CA GLY A 155 -24.99 -0.25 1.70
C GLY A 155 -24.78 -0.15 3.21
N GLN A 156 -23.92 -1.01 3.74
CA GLN A 156 -23.59 -0.92 5.17
C GLN A 156 -22.17 -0.41 5.44
N GLY A 157 -22.08 0.49 6.41
CA GLY A 157 -20.86 1.25 6.73
C GLY A 157 -20.55 2.32 5.69
N VAL A 158 -19.39 2.97 5.83
CA VAL A 158 -18.94 3.95 4.83
C VAL A 158 -18.02 3.29 3.78
N ASP A 159 -18.37 3.48 2.53
CA ASP A 159 -17.53 3.09 1.42
C ASP A 159 -16.51 4.23 1.08
N GLN A 160 -15.37 4.20 1.78
CA GLN A 160 -14.33 5.20 1.65
C GLN A 160 -13.78 5.21 0.29
N LEU A 161 -13.64 4.04 -0.28
CA LEU A 161 -13.08 4.01 -1.60
C LEU A 161 -14.01 4.59 -2.68
N GLN A 162 -15.30 4.22 -2.73
CA GLN A 162 -16.32 4.92 -3.62
C GLN A 162 -16.43 6.41 -3.28
N ARG A 163 -16.36 6.73 -1.98
CA ARG A 163 -16.34 8.13 -1.61
C ARG A 163 -15.22 8.94 -2.27
N VAL A 164 -13.99 8.37 -2.32
CA VAL A 164 -12.87 9.04 -2.97
C VAL A 164 -13.11 9.25 -4.43
N ILE A 165 -13.51 8.18 -5.10
CA ILE A 165 -13.75 8.20 -6.51
C ILE A 165 -14.90 9.24 -6.87
N ASP A 166 -15.99 9.19 -6.11
CA ASP A 166 -17.12 10.14 -6.22
C ASP A 166 -16.68 11.56 -6.03
N THR A 167 -15.88 11.86 -5.00
CA THR A 167 -15.41 13.25 -4.78
C THR A 167 -14.52 13.70 -5.90
N ILE A 168 -13.72 12.81 -6.44
CA ILE A 168 -12.82 13.23 -7.52
C ILE A 168 -13.66 13.69 -8.73
N LYS A 169 -14.79 13.01 -8.92
CA LYS A 169 -15.68 13.33 -10.02
C LYS A 169 -16.53 14.60 -9.69
N THR A 170 -17.00 14.78 -8.45
CA THR A 170 -17.85 15.88 -8.15
C THR A 170 -17.13 17.15 -7.83
N ASN A 171 -15.96 17.04 -7.17
CA ASN A 171 -15.16 18.20 -6.96
C ASN A 171 -13.65 17.88 -6.94
N PRO A 172 -13.01 17.91 -8.12
CA PRO A 172 -11.57 17.56 -8.18
C PRO A 172 -10.64 18.41 -7.31
N ASP A 173 -11.08 19.58 -6.91
CA ASP A 173 -10.23 20.53 -6.24
C ASP A 173 -10.19 20.23 -4.75
N ASP A 174 -11.06 19.33 -4.32
CA ASP A 174 -11.32 19.05 -2.90
C ASP A 174 -10.00 18.60 -2.15
N ARG A 175 -9.81 19.08 -0.94
CA ARG A 175 -8.59 18.81 -0.19
C ARG A 175 -8.85 17.67 0.79
N ARG A 176 -10.02 17.05 0.68
CA ARG A 176 -10.43 16.06 1.63
C ARG A 176 -10.56 14.68 1.01
N ILE A 177 -9.85 14.42 -0.08
CA ILE A 177 -10.09 13.19 -0.80
C ILE A 177 -9.18 12.18 -0.11
N ILE A 178 -9.65 11.66 1.03
CA ILE A 178 -8.84 10.96 1.98
C ILE A 178 -9.42 9.56 2.33
N MET A 179 -8.58 8.52 2.31
CA MET A 179 -9.05 7.18 2.71
C MET A 179 -8.08 6.60 3.79
N ALA A 181 -6.67 3.34 6.44
CA ALA A 181 -6.62 1.91 6.79
C ALA A 181 -6.11 1.74 8.21
N TRP A 182 -6.61 0.68 8.87
CA TRP A 182 -6.20 0.30 10.24
C TRP A 182 -5.44 -1.06 10.31
N ASN A 183 -4.57 -1.17 11.28
CA ASN A 183 -3.99 -2.44 11.62
C ASN A 183 -5.10 -3.19 12.39
N PRO A 184 -5.38 -4.43 11.95
CA PRO A 184 -6.29 -5.38 12.59
C PRO A 184 -6.18 -5.37 14.12
N ARG A 185 -4.97 -5.38 14.65
CA ARG A 185 -4.65 -5.32 16.09
C ARG A 185 -5.30 -4.16 16.88
N ASP A 186 -5.54 -3.03 16.25
CA ASP A 186 -6.01 -1.90 17.00
C ASP A 186 -7.51 -1.83 17.06
N LEU A 187 -8.17 -2.88 16.62
CA LEU A 187 -9.56 -2.77 16.25
C LEU A 187 -10.62 -2.98 17.27
N PRO A 188 -10.30 -2.91 18.54
CA PRO A 188 -11.35 -2.64 19.48
C PRO A 188 -12.31 -1.81 18.68
N LEU A 189 -11.89 -0.59 18.35
CA LEU A 189 -12.55 0.28 17.39
C LEU A 189 -13.65 1.14 17.93
N LYS A 190 -14.33 0.75 19.18
CA LYS A 190 -15.11 1.67 20.01
C LYS A 190 -14.00 2.62 20.52
N ALA A 191 -12.81 2.07 20.78
CA ALA A 191 -11.68 2.78 21.35
C ALA A 191 -11.23 4.07 20.60
N LEU A 192 -11.90 4.37 19.48
CA LEU A 192 -11.46 5.36 18.50
C LEU A 192 -9.94 5.26 18.23
N PRO A 193 -9.51 4.10 17.68
CA PRO A 193 -8.10 3.80 17.53
C PRO A 193 -7.56 4.59 16.33
N PRO A 194 -6.30 5.03 16.41
CA PRO A 194 -5.81 5.70 15.21
C PRO A 194 -5.51 4.76 14.08
N HIS A 196 -3.57 3.22 10.69
CA HIS A 196 -2.24 2.82 10.40
C HIS A 196 -1.71 3.68 9.22
N ALA A 197 -2.56 3.91 8.25
CA ALA A 197 -2.19 4.61 7.06
C ALA A 197 -3.34 5.52 6.58
N LEU A 198 -2.95 6.55 5.91
CA LEU A 198 -3.84 7.54 5.43
C LEU A 198 -3.42 7.86 4.03
N CYS A 199 -4.45 7.91 3.12
CA CYS A 199 -4.17 8.11 1.70
C CYS A 199 -4.97 9.28 1.15
N GLN A 200 -4.25 10.35 0.81
CA GLN A 200 -4.87 11.54 0.25
C GLN A 200 -4.64 11.69 -1.22
N PHE A 201 -5.69 11.96 -1.98
CA PHE A 201 -5.61 12.17 -3.39
C PHE A 201 -5.78 13.63 -3.76
N TYR A 202 -5.33 13.98 -4.95
CA TYR A 202 -5.15 15.33 -5.33
C TYR A 202 -5.17 15.40 -6.86
N VAL A 203 -5.90 16.40 -7.39
CA VAL A 203 -6.12 16.49 -8.83
C VAL A 203 -5.76 17.89 -9.27
N VAL A 204 -4.89 18.00 -10.26
CA VAL A 204 -4.73 19.28 -10.92
C VAL A 204 -4.36 18.97 -12.36
N ASN A 205 -4.81 19.82 -13.30
CA ASN A 205 -4.44 19.66 -14.74
C ASN A 205 -4.69 18.24 -15.20
N SER A 206 -5.83 17.70 -14.87
CA SER A 206 -6.06 16.38 -15.38
C SER A 206 -5.20 15.17 -14.81
N GLU A 207 -4.37 15.43 -13.78
CA GLU A 207 -3.44 14.41 -13.20
C GLU A 207 -3.82 14.06 -11.79
N LEU A 208 -3.93 12.76 -11.51
CA LEU A 208 -4.27 12.27 -10.20
C LEU A 208 -2.97 11.91 -9.44
N SER A 209 -2.75 12.57 -8.28
CA SER A 209 -1.65 12.29 -7.40
C SER A 209 -2.16 11.70 -6.12
N CYS A 210 -1.27 10.95 -5.42
CA CYS A 210 -1.60 10.27 -4.16
C CYS A 210 -0.49 10.45 -3.14
N GLN A 211 -0.79 10.78 -1.91
CA GLN A 211 0.17 10.80 -0.88
C GLN A 211 -0.27 9.74 0.16
N LEU A 212 0.66 8.84 0.52
CA LEU A 212 0.39 7.85 1.55
C LEU A 212 1.17 8.23 2.73
N TYR A 213 0.51 8.37 3.86
CA TYR A 213 1.22 8.64 5.09
C TYR A 213 1.12 7.34 5.95
N GLN A 214 2.23 6.78 6.42
CA GLN A 214 2.20 5.54 7.20
C GLN A 214 2.75 5.85 8.57
N ARG A 215 2.07 5.50 9.67
CA ARG A 215 2.67 5.78 10.95
C ARG A 215 4.00 5.04 11.22
N SER A 216 4.27 3.97 10.47
CA SER A 216 5.59 3.35 10.57
C SER A 216 5.85 2.59 9.34
N GLY A 217 7.11 2.52 8.95
CA GLY A 217 7.37 1.82 7.74
C GLY A 217 8.60 0.90 7.90
N ASP A 218 8.41 -0.36 7.52
CA ASP A 218 9.47 -1.34 7.50
C ASP A 218 10.19 -1.14 6.20
N MET A 219 11.41 -0.59 6.21
CA MET A 219 12.02 -0.19 4.91
C MET A 219 12.48 -1.32 4.06
N GLY A 220 12.78 -2.45 4.72
CA GLY A 220 13.28 -3.57 3.91
C GLY A 220 12.20 -4.30 3.20
N LEU A 221 11.12 -4.62 3.89
CA LEU A 221 10.09 -5.45 3.28
C LEU A 221 8.86 -4.66 2.83
N GLY A 222 8.31 -3.89 3.77
CA GLY A 222 6.95 -3.35 3.58
C GLY A 222 6.99 -2.19 2.59
N VAL A 223 7.97 -1.34 2.74
CA VAL A 223 8.01 -0.16 1.93
C VAL A 223 8.03 -0.41 0.43
N PRO A 224 8.98 -1.26 -0.11
CA PRO A 224 8.90 -1.44 -1.57
C PRO A 224 7.53 -1.97 -1.99
N PHE A 225 6.93 -2.76 -1.16
CA PHE A 225 5.64 -3.35 -1.47
C PHE A 225 4.52 -2.29 -1.47
N ASN A 226 4.44 -1.55 -0.40
CA ASN A 226 3.53 -0.41 -0.29
C ASN A 226 3.61 0.68 -1.35
N ILE A 227 4.80 0.94 -1.85
CA ILE A 227 4.99 1.87 -2.93
C ILE A 227 4.33 1.35 -4.17
N ALA A 228 4.49 0.03 -4.43
CA ALA A 228 3.81 -0.48 -5.61
C ALA A 228 2.29 -0.56 -5.43
N SER A 229 1.86 -1.00 -4.28
CA SER A 229 0.50 -1.14 -3.97
C SER A 229 -0.33 0.19 -4.17
N TYR A 230 0.12 1.25 -3.56
CA TYR A 230 -0.57 2.54 -3.65
C TYR A 230 -0.35 3.21 -4.99
N ALA A 231 0.74 2.90 -5.69
CA ALA A 231 0.89 3.47 -7.03
C ALA A 231 -0.06 2.76 -7.99
N LEU A 232 -0.32 1.48 -7.71
CA LEU A 232 -1.26 0.70 -8.48
C LEU A 232 -2.70 1.21 -8.24
N LEU A 233 -3.10 1.35 -6.99
CA LEU A 233 -4.35 2.01 -6.61
C LEU A 233 -4.52 3.35 -7.35
N THR A 234 -3.49 4.16 -7.37
CA THR A 234 -3.57 5.41 -8.09
C THR A 234 -3.86 5.22 -9.56
N TYR A 235 -3.17 4.29 -10.20
CA TYR A 235 -3.40 4.00 -11.60
C TYR A 235 -4.84 3.58 -11.85
N MET A 236 -5.40 2.75 -10.97
CA MET A 236 -6.75 2.24 -11.09
C MET A 236 -7.79 3.39 -10.96
N ILE A 237 -7.71 4.15 -9.88
CA ILE A 237 -8.55 5.30 -9.70
C ILE A 237 -8.45 6.31 -10.87
N ALA A 238 -7.24 6.56 -11.36
CA ALA A 238 -7.07 7.49 -12.41
C ALA A 238 -7.75 6.91 -13.64
N HIS A 239 -7.63 5.60 -13.84
CA HIS A 239 -8.22 5.05 -15.02
C HIS A 239 -9.77 5.25 -15.02
N ILE A 240 -10.46 4.94 -13.95
CA ILE A 240 -11.90 4.97 -14.04
C ILE A 240 -12.47 6.43 -13.90
N THR A 241 -11.61 7.44 -13.75
CA THR A 241 -12.12 8.78 -13.50
C THR A 241 -11.63 9.64 -14.62
N GLY A 242 -11.00 9.02 -15.61
CA GLY A 242 -10.50 9.70 -16.80
C GLY A 242 -9.35 10.60 -16.57
N LEU A 243 -8.58 10.38 -15.51
CA LEU A 243 -7.37 11.21 -15.29
C LEU A 243 -6.12 10.43 -15.70
N LYS A 244 -4.98 11.13 -15.83
CA LYS A 244 -3.66 10.53 -16.01
C LYS A 244 -2.86 10.50 -14.64
N PRO A 245 -2.06 9.43 -14.37
CA PRO A 245 -1.50 9.43 -12.98
C PRO A 245 -0.49 10.56 -12.85
N GLY A 246 -0.29 11.12 -11.66
CA GLY A 246 0.74 12.16 -11.58
C GLY A 246 1.94 11.72 -10.74
N ASP A 247 1.90 12.06 -9.44
CA ASP A 247 2.95 11.73 -8.51
C ASP A 247 2.42 10.83 -7.43
N PHE A 248 3.28 9.94 -6.92
CA PHE A 248 3.03 9.20 -5.68
C PHE A 248 4.04 9.69 -4.64
N ILE A 249 3.55 10.15 -3.48
CA ILE A 249 4.41 10.71 -2.44
C ILE A 249 4.31 9.77 -1.26
N HIS A 250 5.43 9.33 -0.72
CA HIS A 250 5.36 8.35 0.34
C HIS A 250 5.91 8.99 1.59
N THR A 251 5.11 9.03 2.65
CA THR A 251 5.54 9.68 3.88
C THR A 251 5.47 8.72 5.04
N LEU A 252 6.46 8.81 5.91
CA LEU A 252 6.51 7.92 7.02
C LEU A 252 6.62 8.65 8.32
N GLY A 253 6.09 8.07 9.39
CA GLY A 253 6.51 8.40 10.74
C GLY A 253 7.77 7.60 11.09
N ASP A 254 7.63 6.45 11.78
CA ASP A 254 8.80 5.65 12.21
C ASP A 254 9.27 4.78 11.04
N ALA A 255 10.25 5.30 10.30
CA ALA A 255 10.93 4.60 9.24
C ALA A 255 12.12 3.74 9.83
N HIS A 256 12.03 2.42 9.60
CA HIS A 256 12.89 1.53 10.33
C HIS A 256 13.40 0.36 9.55
N ILE A 257 14.59 -0.07 9.96
CA ILE A 257 15.23 -1.23 9.39
C ILE A 257 15.39 -2.30 10.48
N TYR A 258 14.86 -3.49 10.26
CA TYR A 258 15.16 -4.55 11.23
C TYR A 258 16.66 -4.91 11.25
N LEU A 259 17.21 -5.07 12.44
CA LEU A 259 18.60 -5.48 12.64
C LEU A 259 18.98 -6.60 11.74
N ASN A 260 18.13 -7.61 11.56
CA ASN A 260 18.51 -8.69 10.65
C ASN A 260 18.51 -8.34 9.14
N HIS A 261 18.06 -7.13 8.78
CA HIS A 261 18.06 -6.74 7.35
C HIS A 261 19.25 -5.87 6.93
N ILE A 262 20.09 -5.50 7.89
CA ILE A 262 21.16 -4.57 7.60
C ILE A 262 22.09 -5.04 6.48
N GLU A 263 22.51 -6.31 6.57
CA GLU A 263 23.57 -6.80 5.70
C GLU A 263 23.01 -6.93 4.31
N PRO A 264 21.82 -7.55 4.17
CA PRO A 264 21.25 -7.64 2.82
C PRO A 264 20.99 -6.27 2.25
N LEU A 265 20.63 -5.29 3.11
CA LEU A 265 20.36 -3.93 2.61
C LEU A 265 21.65 -3.26 2.25
N LYS A 266 22.67 -3.52 3.07
CA LYS A 266 24.00 -3.02 2.74
C LYS A 266 24.39 -3.48 1.37
N ILE A 267 24.04 -4.71 1.06
CA ILE A 267 24.34 -5.19 -0.29
C ILE A 267 23.42 -4.59 -1.36
N GLN A 268 22.09 -4.58 -1.13
CA GLN A 268 21.22 -3.84 -2.09
C GLN A 268 21.70 -2.40 -2.43
N LEU A 269 22.29 -1.71 -1.46
CA LEU A 269 22.82 -0.33 -1.69
C LEU A 269 23.89 -0.19 -2.75
N GLN A 270 24.60 -1.28 -3.05
CA GLN A 270 25.65 -1.24 -4.05
C GLN A 270 25.07 -1.43 -5.46
N ARG A 271 23.77 -1.68 -5.59
CA ARG A 271 23.21 -1.93 -6.90
C ARG A 271 22.70 -0.63 -7.57
N GLU A 272 22.89 -0.58 -8.88
CA GLU A 272 22.48 0.59 -9.58
C GLU A 272 21.08 0.37 -10.14
N PRO A 273 20.17 1.30 -9.83
CA PRO A 273 18.82 1.27 -10.33
C PRO A 273 18.79 1.28 -11.86
N ARG A 274 17.84 0.54 -12.40
CA ARG A 274 17.51 0.52 -13.81
C ARG A 274 16.22 1.28 -14.06
N PRO A 275 16.00 1.81 -15.30
CA PRO A 275 14.75 2.56 -15.58
C PRO A 275 13.52 1.80 -15.10
N PHE A 276 12.55 2.51 -14.51
CA PHE A 276 11.37 1.81 -13.99
C PHE A 276 10.61 1.25 -15.18
N PRO A 277 9.78 0.24 -14.95
CA PRO A 277 8.92 -0.31 -15.99
C PRO A 277 7.71 0.58 -16.24
N LYS A 278 6.81 0.09 -17.11
CA LYS A 278 5.58 0.78 -17.42
C LYS A 278 4.50 -0.15 -16.97
N LEU A 279 3.35 0.41 -16.59
CA LEU A 279 2.19 -0.42 -16.25
C LEU A 279 1.09 -0.07 -17.22
N ARG A 280 0.51 -1.09 -17.86
CA ARG A 280 -0.46 -0.91 -18.92
C ARG A 280 -1.73 -1.55 -18.46
N ILE A 281 -2.84 -0.82 -18.61
CA ILE A 281 -4.15 -1.36 -18.32
C ILE A 281 -4.73 -1.85 -19.64
N LEU A 282 -5.30 -3.05 -19.67
CA LEU A 282 -5.48 -3.72 -20.97
C LEU A 282 -6.81 -3.46 -21.68
N ARG A 283 -7.91 -3.39 -20.92
CA ARG A 283 -9.23 -2.95 -21.45
C ARG A 283 -9.75 -1.69 -20.74
N LYS A 284 -10.85 -1.13 -21.23
CA LYS A 284 -11.41 0.10 -20.66
C LYS A 284 -12.27 -0.37 -19.49
N VAL A 285 -11.96 0.12 -18.29
CA VAL A 285 -12.75 -0.27 -17.10
C VAL A 285 -13.50 0.97 -16.53
N GLU A 286 -14.69 0.74 -16.00
CA GLU A 286 -15.62 1.80 -15.60
C GLU A 286 -15.85 1.85 -14.09
N LYS A 287 -15.76 0.70 -13.43
CA LYS A 287 -16.01 0.63 -12.00
C LYS A 287 -14.88 -0.07 -11.26
N ILE A 288 -14.53 0.47 -10.10
CA ILE A 288 -13.39 -0.01 -9.34
C ILE A 288 -13.56 -1.52 -9.02
N ASP A 289 -14.81 -1.96 -8.80
CA ASP A 289 -15.08 -3.36 -8.51
C ASP A 289 -14.88 -4.31 -9.72
N ASP A 290 -14.81 -3.76 -10.94
CA ASP A 290 -14.73 -4.56 -12.15
C ASP A 290 -13.32 -4.98 -12.56
N PHE A 291 -12.29 -4.49 -11.87
CA PHE A 291 -10.91 -4.86 -12.24
C PHE A 291 -10.60 -6.30 -11.86
N LYS A 292 -9.75 -6.90 -12.70
CA LYS A 292 -9.33 -8.31 -12.53
C LYS A 292 -7.84 -8.36 -12.76
N ALA A 293 -7.17 -9.35 -12.17
CA ALA A 293 -5.69 -9.42 -12.28
C ALA A 293 -5.23 -9.46 -13.74
N GLU A 294 -6.02 -10.09 -14.61
CA GLU A 294 -5.67 -10.16 -16.05
C GLU A 294 -5.80 -8.81 -16.80
N ASP A 295 -6.35 -7.78 -16.12
CA ASP A 295 -6.46 -6.47 -16.77
C ASP A 295 -5.15 -5.75 -16.80
N PHE A 296 -4.17 -6.22 -16.03
CA PHE A 296 -2.90 -5.46 -15.94
C PHE A 296 -1.70 -6.15 -16.46
N GLN A 297 -0.80 -5.34 -16.98
CA GLN A 297 0.42 -5.86 -17.52
C GLN A 297 1.58 -4.91 -17.27
N ILE A 298 2.59 -5.41 -16.58
CA ILE A 298 3.90 -4.76 -16.43
C ILE A 298 4.82 -5.01 -17.64
N GLU A 299 5.59 -3.99 -18.03
CA GLU A 299 6.46 -4.04 -19.18
C GLU A 299 7.79 -3.41 -18.88
N GLY A 300 8.85 -3.95 -19.50
CA GLY A 300 10.21 -3.42 -19.34
C GLY A 300 10.76 -3.55 -17.93
N TYR A 301 10.26 -4.53 -17.17
CA TYR A 301 10.75 -4.75 -15.80
C TYR A 301 12.00 -5.70 -15.79
N ASN A 302 13.16 -5.14 -15.45
CA ASN A 302 14.46 -5.82 -15.34
C ASN A 302 15.12 -5.55 -14.01
N PRO A 303 14.59 -6.14 -12.93
CA PRO A 303 15.13 -5.88 -11.64
C PRO A 303 16.42 -6.65 -11.40
N HIS A 304 17.12 -6.27 -10.32
CA HIS A 304 18.26 -7.04 -9.89
C HIS A 304 17.63 -8.26 -9.19
N PRO A 305 18.43 -9.26 -8.79
CA PRO A 305 17.78 -10.45 -8.21
C PRO A 305 17.03 -10.26 -6.87
N THR A 306 16.13 -11.19 -6.63
CA THR A 306 15.47 -11.28 -5.40
C THR A 306 16.44 -11.19 -4.24
N ILE A 307 16.04 -10.40 -3.23
CA ILE A 307 16.69 -10.40 -1.98
C ILE A 307 15.73 -10.98 -1.00
N LYS A 308 16.12 -11.98 -0.23
CA LYS A 308 15.21 -12.54 0.74
C LYS A 308 15.47 -11.95 2.11
N MET A 309 14.40 -11.49 2.77
CA MET A 309 14.56 -10.89 4.09
C MET A 309 13.65 -11.49 5.16
N GLU A 310 14.24 -11.83 6.31
CA GLU A 310 13.49 -12.31 7.47
C GLU A 310 12.49 -11.27 8.02
#